data_6EOF
#
_entry.id   6EOF
#
_cell.length_a   69.047
_cell.length_b   75.610
_cell.length_c   97.500
_cell.angle_alpha   90.00
_cell.angle_beta   90.00
_cell.angle_gamma   90.00
#
_symmetry.space_group_name_H-M   'P 21 21 21'
#
loop_
_entity.id
_entity.type
_entity.pdbx_description
1 polymer '78 kDa glucose-regulated protein'
2 non-polymer "ADENOSINE-5'-DIPHOSPHATE"
3 non-polymer 'SULFATE ION'
4 non-polymer 'ADENOSINE MONOPHOSPHATE'
5 water water
#
_entity_poly.entity_id   1
_entity_poly.type   'polypeptide(L)'
_entity_poly.pdbx_seq_one_letter_code
;GTVVGIDLGTTYSCVGVFKNGRVEIIANDQGNRITPSYVAFTPEGERLIGDAAKNQLTSNPENTVFDAKRLIGRTWNDPS
VQQDIKFLPFKVVEKKTKPYIQVDIGGGQTKTFAPEEISAMVLTKMKETAEAYLGKKVTHAVVTVPAYFNDAQRQATKDA
GTIAGLNVMRIINEPTAAAIAYGLDKREGEKNILVFDLGGGAFDVSLLTIDNGVFEVVATNGDTHLGGEDFDQRVMEHFI
KLYKKKTGKDVRKDNRAVQKLRREVEKAKRALSSQHQARIEIESFFEGEDFSETLTRAKFEELNMDLFRSTMKPVQKVLE
DSDLKKSDIDEIVLVGGSTRIPKIQQLVKEFFNGKEPSRGINPDEAVAYGAAVQAGVLSGDQDTGDLVLLDVCPLTLGIE
TVGGVMTKLIPRNTVVPTKKSQIFSTASDNQPTVTIKVYEGERPLTKDNHLLGTFDLTGIPPAPRGVPQIEVTFEIDVNG
ILRVTAEDKGTGNKNKITITNDQNRLTPEEIERMVNDAEKFA
;
_entity_poly.pdbx_strand_id   A
#
# COMPACT_ATOMS: atom_id res chain seq x y z
N THR A 2 -23.51 3.43 9.47
CA THR A 2 -22.91 4.06 8.25
C THR A 2 -21.49 3.58 7.99
N VAL A 3 -21.28 3.05 6.78
CA VAL A 3 -19.97 2.59 6.34
C VAL A 3 -19.22 3.79 5.79
N VAL A 4 -17.98 3.96 6.23
CA VAL A 4 -17.12 5.04 5.75
C VAL A 4 -16.07 4.51 4.77
N GLY A 5 -15.54 5.42 3.95
CA GLY A 5 -14.43 5.10 3.06
C GLY A 5 -13.18 5.77 3.58
N ILE A 6 -12.10 5.01 3.75
CA ILE A 6 -10.84 5.55 4.27
C ILE A 6 -9.73 5.31 3.27
N ASP A 7 -9.09 6.39 2.80
CA ASP A 7 -7.83 6.30 2.06
C ASP A 7 -6.72 6.29 3.10
N LEU A 8 -6.13 5.14 3.30
CA LEU A 8 -5.00 4.98 4.23
C LEU A 8 -3.73 5.14 3.40
N GLY A 9 -3.21 6.35 3.36
CA GLY A 9 -2.08 6.65 2.48
C GLY A 9 -0.74 6.61 3.15
N THR A 10 0.32 6.55 2.34
CA THR A 10 1.66 6.56 2.85
C THR A 10 1.95 7.82 3.67
N THR A 11 1.60 8.98 3.12
CA THR A 11 1.88 10.26 3.78
C THR A 11 0.67 10.91 4.45
N TYR A 12 -0.50 10.77 3.84
CA TYR A 12 -1.75 11.31 4.37
C TYR A 12 -2.86 10.27 4.34
N SER A 13 -3.82 10.44 5.22
CA SER A 13 -5.05 9.66 5.19
C SER A 13 -6.27 10.58 5.13
N CYS A 14 -7.38 10.07 4.60
CA CYS A 14 -8.58 10.87 4.30
C CYS A 14 -9.79 9.98 4.53
N VAL A 15 -10.86 10.52 5.11
CA VAL A 15 -12.08 9.76 5.37
C VAL A 15 -13.28 10.49 4.80
N GLY A 16 -14.14 9.74 4.10
CA GLY A 16 -15.35 10.29 3.51
C GLY A 16 -16.55 9.39 3.71
N VAL A 17 -17.73 9.97 3.50
CA VAL A 17 -18.99 9.26 3.61
C VAL A 17 -19.89 9.70 2.47
N PHE A 18 -20.76 8.80 2.01
CA PHE A 18 -21.78 9.12 1.01
C PHE A 18 -23.10 9.34 1.72
N LYS A 19 -23.66 10.54 1.57
CA LYS A 19 -24.87 10.93 2.29
C LYS A 19 -25.62 11.94 1.45
N ASN A 20 -26.95 11.80 1.41
CA ASN A 20 -27.83 12.70 0.65
C ASN A 20 -27.38 12.90 -0.81
N GLY A 21 -26.95 11.81 -1.43
CA GLY A 21 -26.58 11.82 -2.85
C GLY A 21 -25.25 12.43 -3.22
N ARG A 22 -24.35 12.67 -2.24
CA ARG A 22 -22.99 13.12 -2.56
C ARG A 22 -21.96 12.67 -1.54
N VAL A 23 -20.70 12.77 -1.92
CA VAL A 23 -19.57 12.48 -1.04
C VAL A 23 -19.27 13.68 -0.17
N GLU A 24 -19.10 13.44 1.13
CA GLU A 24 -18.52 14.45 2.03
C GLU A 24 -17.17 13.93 2.46
N ILE A 25 -16.11 14.68 2.16
CA ILE A 25 -14.79 14.47 2.71
C ILE A 25 -14.81 15.17 4.06
N ILE A 26 -14.54 14.44 5.14
CA ILE A 26 -14.78 14.90 6.51
C ILE A 26 -13.51 15.55 7.06
N ALA A 27 -13.66 16.78 7.55
CA ALA A 27 -12.55 17.50 8.16
C ALA A 27 -12.25 16.99 9.57
N ASN A 28 -10.96 16.95 9.89
CA ASN A 28 -10.51 16.53 11.22
C ASN A 28 -10.65 17.68 12.21
N ASP A 29 -10.29 17.41 13.47
CA ASP A 29 -10.37 18.44 14.53
C ASP A 29 -9.54 19.73 14.32
N GLN A 30 -8.58 19.73 13.40
CA GLN A 30 -7.84 20.94 12.99
C GLN A 30 -8.42 21.61 11.73
N GLY A 31 -9.56 21.13 11.24
CA GLY A 31 -10.18 21.63 10.01
C GLY A 31 -9.55 21.22 8.69
N ASN A 32 -8.71 20.19 8.69
CA ASN A 32 -8.01 19.75 7.49
C ASN A 32 -8.73 18.52 6.94
N ARG A 33 -8.87 18.49 5.61
CA ARG A 33 -9.56 17.39 4.93
C ARG A 33 -8.67 16.17 4.75
N ILE A 34 -7.35 16.34 4.94
CA ILE A 34 -6.41 15.23 5.03
C ILE A 34 -5.63 15.29 6.35
N THR A 35 -5.19 14.12 6.81
CA THR A 35 -4.53 13.96 8.10
C THR A 35 -3.18 13.28 7.85
N PRO A 36 -2.06 13.86 8.33
CA PRO A 36 -0.80 13.14 8.13
C PRO A 36 -0.78 11.74 8.77
N SER A 37 -0.21 10.76 8.07
CA SER A 37 -0.13 9.38 8.59
C SER A 37 1.08 9.26 9.52
N TYR A 38 0.99 9.95 10.65
CA TYR A 38 2.08 10.08 11.61
C TYR A 38 1.57 9.77 13.01
N VAL A 39 2.43 9.11 13.80
CA VAL A 39 2.15 8.82 15.22
C VAL A 39 3.41 9.14 16.00
N ALA A 40 3.27 9.86 17.13
CA ALA A 40 4.44 10.19 17.95
C ALA A 40 4.17 9.93 19.42
N PHE A 41 5.26 9.73 20.17
CA PHE A 41 5.20 9.48 21.59
C PHE A 41 6.09 10.51 22.27
N THR A 42 5.49 11.34 23.13
CA THR A 42 6.23 12.42 23.79
C THR A 42 6.96 11.90 25.03
N PRO A 43 8.01 12.61 25.49
CA PRO A 43 8.67 12.21 26.73
C PRO A 43 7.74 12.20 27.96
N GLU A 44 6.75 13.09 27.96
CA GLU A 44 5.71 13.12 29.01
C GLU A 44 4.71 11.96 28.94
N GLY A 45 4.76 11.16 27.87
CA GLY A 45 4.04 9.88 27.79
C GLY A 45 2.81 9.84 26.90
N GLU A 46 2.46 10.95 26.25
CA GLU A 46 1.24 11.00 25.46
C GLU A 46 1.50 10.56 24.02
N ARG A 47 0.46 10.02 23.41
CA ARG A 47 0.51 9.60 22.02
C ARG A 47 -0.19 10.68 21.20
N LEU A 48 0.51 11.18 20.18
CA LEU A 48 0.00 12.18 19.26
C LEU A 48 -0.24 11.50 17.93
N ILE A 49 -1.30 11.89 17.22
CA ILE A 49 -1.60 11.35 15.89
C ILE A 49 -1.91 12.49 14.94
N GLY A 50 -1.37 12.41 13.73
CA GLY A 50 -1.68 13.37 12.68
C GLY A 50 -0.82 14.62 12.72
N ASP A 51 -1.48 15.77 12.57
CA ASP A 51 -0.80 17.04 12.45
C ASP A 51 0.11 17.33 13.66
N ALA A 52 -0.37 16.99 14.85
CA ALA A 52 0.39 17.23 16.09
C ALA A 52 1.64 16.36 16.14
N ALA A 53 1.55 15.14 15.60
CA ALA A 53 2.71 14.25 15.55
C ALA A 53 3.74 14.77 14.54
N LYS A 54 3.28 15.13 13.34
CA LYS A 54 4.18 15.64 12.29
C LYS A 54 4.89 16.93 12.74
N ASN A 55 4.20 17.76 13.51
CA ASN A 55 4.75 19.07 13.91
C ASN A 55 5.93 19.02 14.89
N GLN A 56 6.15 17.90 15.57
CA GLN A 56 7.28 17.77 16.50
C GLN A 56 8.31 16.73 16.02
N LEU A 57 8.26 16.40 14.73
CA LEU A 57 9.22 15.49 14.13
C LEU A 57 10.66 15.92 14.40
N THR A 58 10.96 17.19 14.18
CA THR A 58 12.36 17.66 14.21
C THR A 58 12.93 17.86 15.61
N SER A 59 12.07 17.90 16.64
CA SER A 59 12.52 17.98 18.04
C SER A 59 12.53 16.63 18.79
N ASN A 60 11.75 15.65 18.30
CA ASN A 60 11.62 14.32 18.92
C ASN A 60 11.65 13.26 17.80
N PRO A 61 12.67 13.32 16.91
CA PRO A 61 12.61 12.46 15.71
C PRO A 61 12.61 10.96 15.97
N GLU A 62 13.32 10.51 17.00
CA GLU A 62 13.50 9.08 17.26
C GLU A 62 12.18 8.42 17.68
N ASN A 63 11.25 9.21 18.22
CA ASN A 63 9.99 8.69 18.71
C ASN A 63 8.79 9.19 17.89
N THR A 64 9.06 9.59 16.65
CA THR A 64 8.03 10.01 15.71
C THR A 64 8.01 9.04 14.55
N VAL A 65 6.87 8.37 14.36
CA VAL A 65 6.74 7.28 13.40
C VAL A 65 5.89 7.73 12.22
N PHE A 66 6.37 7.41 11.03
CA PHE A 66 5.70 7.74 9.78
C PHE A 66 6.18 6.74 8.73
N ASP A 67 5.56 6.76 7.56
CA ASP A 67 5.89 5.81 6.49
C ASP A 67 5.71 4.33 6.87
N ALA A 68 4.80 4.04 7.81
CA ALA A 68 4.53 2.64 8.18
C ALA A 68 4.03 1.82 7.01
N LYS A 69 3.34 2.45 6.05
CA LYS A 69 2.86 1.74 4.85
C LYS A 69 4.00 1.20 3.99
N ARG A 70 5.19 1.77 4.10
CA ARG A 70 6.35 1.28 3.35
C ARG A 70 6.92 -0.01 3.97
N LEU A 71 6.56 -0.29 5.23
CA LEU A 71 6.99 -1.48 5.96
C LEU A 71 5.92 -2.55 6.14
N ILE A 72 4.65 -2.16 6.03
CA ILE A 72 3.55 -3.06 6.36
C ILE A 72 3.52 -4.25 5.41
N GLY A 73 3.37 -5.44 5.99
CA GLY A 73 3.33 -6.69 5.25
C GLY A 73 4.62 -7.13 4.59
N ARG A 74 5.74 -6.53 4.97
CA ARG A 74 7.05 -6.89 4.41
C ARG A 74 7.84 -7.72 5.40
N THR A 75 8.79 -8.50 4.88
CA THR A 75 9.77 -9.20 5.70
C THR A 75 11.00 -8.34 5.92
N TRP A 76 11.75 -8.72 6.96
CA TRP A 76 12.94 -7.98 7.39
C TRP A 76 13.99 -7.83 6.28
N ASN A 77 14.24 -8.92 5.54
CA ASN A 77 15.28 -8.89 4.51
C ASN A 77 14.81 -8.38 3.13
N ASP A 78 13.60 -7.81 3.06
CA ASP A 78 13.14 -7.11 1.86
C ASP A 78 14.05 -5.91 1.60
N PRO A 79 14.62 -5.80 0.38
CA PRO A 79 15.55 -4.68 0.11
C PRO A 79 14.93 -3.29 0.29
N SER A 80 13.64 -3.15 -0.01
CA SER A 80 12.99 -1.84 0.17
C SER A 80 12.89 -1.44 1.65
N VAL A 81 12.78 -2.42 2.56
CA VAL A 81 12.82 -2.14 4.00
C VAL A 81 14.23 -1.69 4.39
N GLN A 82 15.22 -2.47 4.02
CA GLN A 82 16.60 -2.16 4.41
C GLN A 82 17.09 -0.82 3.82
N GLN A 83 16.67 -0.50 2.60
CA GLN A 83 17.02 0.79 1.99
C GLN A 83 16.33 1.97 2.66
N ASP A 84 15.09 1.77 3.12
CA ASP A 84 14.34 2.88 3.74
C ASP A 84 14.79 3.20 5.16
N ILE A 85 15.27 2.20 5.90
CA ILE A 85 15.85 2.37 7.26
C ILE A 85 16.85 3.54 7.37
N LYS A 86 17.63 3.75 6.32
CA LYS A 86 18.66 4.82 6.28
C LYS A 86 18.06 6.24 6.38
N PHE A 87 16.78 6.39 6.04
CA PHE A 87 16.11 7.70 6.03
C PHE A 87 15.05 7.86 7.14
N LEU A 88 14.81 6.80 7.92
CA LEU A 88 13.82 6.81 8.99
C LEU A 88 14.53 7.02 10.32
N PRO A 89 14.00 7.91 11.18
CA PRO A 89 14.67 8.25 12.45
C PRO A 89 14.42 7.29 13.62
N PHE A 90 13.31 6.56 13.56
CA PHE A 90 12.95 5.58 14.58
C PHE A 90 13.68 4.27 14.34
N LYS A 91 13.99 3.57 15.43
CA LYS A 91 14.63 2.26 15.35
C LYS A 91 13.70 1.21 14.72
N VAL A 92 14.23 0.47 13.75
CA VAL A 92 13.54 -0.65 13.14
C VAL A 92 14.32 -1.90 13.51
N VAL A 93 13.63 -2.86 14.12
CA VAL A 93 14.23 -4.06 14.69
C VAL A 93 13.53 -5.31 14.14
N GLU A 94 14.26 -6.40 14.03
CA GLU A 94 13.71 -7.65 13.54
C GLU A 94 13.01 -8.40 14.67
N LYS A 95 11.78 -8.81 14.40
CA LYS A 95 11.00 -9.68 15.29
C LYS A 95 9.99 -10.43 14.42
N LYS A 96 9.92 -11.75 14.58
CA LYS A 96 9.02 -12.59 13.76
C LYS A 96 9.31 -12.48 12.25
N THR A 97 10.59 -12.40 11.90
CA THR A 97 11.07 -12.13 10.52
C THR A 97 10.48 -10.88 9.85
N LYS A 98 10.05 -9.92 10.68
CA LYS A 98 9.31 -8.74 10.25
C LYS A 98 10.01 -7.51 10.83
N PRO A 99 9.94 -6.37 10.13
CA PRO A 99 10.45 -5.12 10.69
C PRO A 99 9.46 -4.53 11.69
N TYR A 100 9.84 -4.50 12.97
CA TYR A 100 9.05 -3.83 14.01
C TYR A 100 9.66 -2.48 14.32
N ILE A 101 8.84 -1.61 14.91
CA ILE A 101 9.25 -0.23 15.22
C ILE A 101 9.40 -0.10 16.74
N GLN A 102 10.60 0.31 17.19
CA GLN A 102 10.90 0.48 18.62
C GLN A 102 11.00 1.95 18.99
N VAL A 103 10.25 2.38 20.01
CA VAL A 103 10.24 3.76 20.48
C VAL A 103 10.31 3.86 22.00
N ASP A 104 10.69 5.04 22.48
CA ASP A 104 10.64 5.40 23.90
C ASP A 104 9.28 6.05 24.19
N ILE A 105 8.60 5.58 25.23
CA ILE A 105 7.26 6.11 25.60
C ILE A 105 7.25 6.90 26.92
N GLY A 106 8.41 7.42 27.32
CA GLY A 106 8.55 8.20 28.56
C GLY A 106 8.90 7.35 29.76
N GLY A 107 9.63 7.93 30.70
CA GLY A 107 10.02 7.27 31.94
C GLY A 107 11.01 6.13 31.77
N GLY A 108 11.96 6.30 30.85
CA GLY A 108 12.97 5.28 30.56
C GLY A 108 12.45 3.95 30.03
N GLN A 109 11.23 3.97 29.45
CA GLN A 109 10.53 2.76 29.01
C GLN A 109 10.54 2.65 27.50
N THR A 110 10.52 1.42 26.99
CA THR A 110 10.62 1.13 25.56
C THR A 110 9.43 0.26 25.14
N LYS A 111 8.97 0.44 23.91
CA LYS A 111 7.89 -0.37 23.37
C LYS A 111 8.16 -0.67 21.90
N THR A 112 7.77 -1.86 21.47
CA THR A 112 7.96 -2.32 20.10
C THR A 112 6.58 -2.54 19.45
N PHE A 113 6.39 -2.02 18.24
CA PHE A 113 5.09 -2.10 17.54
C PHE A 113 5.27 -2.73 16.14
N ALA A 114 4.34 -3.58 15.74
CA ALA A 114 4.25 -3.99 14.35
C ALA A 114 3.79 -2.80 13.49
N PRO A 115 4.20 -2.75 12.22
CA PRO A 115 3.70 -1.69 11.34
C PRO A 115 2.16 -1.64 11.30
N GLU A 116 1.51 -2.82 11.34
CA GLU A 116 0.04 -2.95 11.49
C GLU A 116 -0.54 -2.14 12.63
N GLU A 117 0.18 -2.11 13.76
CA GLU A 117 -0.29 -1.41 14.97
C GLU A 117 -0.21 0.10 14.77
N ILE A 118 0.83 0.57 14.10
CA ILE A 118 0.95 2.01 13.81
C ILE A 118 -0.18 2.42 12.87
N SER A 119 -0.36 1.67 11.79
CA SER A 119 -1.46 1.94 10.87
C SER A 119 -2.83 1.85 11.53
N ALA A 120 -3.00 0.93 12.48
CA ALA A 120 -4.24 0.87 13.27
C ALA A 120 -4.50 2.15 14.08
N MET A 121 -3.44 2.77 14.61
CA MET A 121 -3.60 4.04 15.33
C MET A 121 -4.06 5.16 14.38
N VAL A 122 -3.52 5.18 13.16
CA VAL A 122 -3.94 6.13 12.12
C VAL A 122 -5.42 5.87 11.76
N LEU A 123 -5.78 4.61 11.54
CA LEU A 123 -7.17 4.27 11.20
C LEU A 123 -8.13 4.63 12.33
N THR A 124 -7.68 4.47 13.57
CA THR A 124 -8.51 4.82 14.72
C THR A 124 -8.82 6.32 14.71
N LYS A 125 -7.81 7.14 14.43
CA LYS A 125 -8.01 8.58 14.32
C LYS A 125 -8.98 8.92 13.18
N MET A 126 -8.87 8.23 12.03
CA MET A 126 -9.78 8.51 10.92
C MET A 126 -11.21 8.11 11.29
N LYS A 127 -11.35 6.97 11.95
CA LYS A 127 -12.64 6.53 12.47
C LYS A 127 -13.26 7.57 13.43
N GLU A 128 -12.45 8.07 14.35
CA GLU A 128 -12.91 9.08 15.32
C GLU A 128 -13.32 10.39 14.66
N THR A 129 -12.60 10.77 13.61
CA THR A 129 -12.94 11.94 12.78
C THR A 129 -14.34 11.79 12.16
N ALA A 130 -14.63 10.61 11.62
CA ALA A 130 -15.96 10.32 11.08
C ALA A 130 -17.03 10.30 12.18
N GLU A 131 -16.70 9.69 13.32
CA GLU A 131 -17.65 9.56 14.42
C GLU A 131 -18.05 10.92 14.99
N ALA A 132 -17.10 11.85 15.05
CA ALA A 132 -17.38 13.23 15.50
C ALA A 132 -18.34 13.95 14.53
N TYR A 133 -18.11 13.78 13.24
CA TYR A 133 -18.97 14.39 12.22
C TYR A 133 -20.39 13.79 12.20
N LEU A 134 -20.49 12.47 12.25
CA LEU A 134 -21.77 11.76 12.15
C LEU A 134 -22.55 11.70 13.46
N GLY A 135 -21.84 11.86 14.59
CA GLY A 135 -22.45 11.78 15.91
C GLY A 135 -22.87 10.38 16.32
N LYS A 136 -22.23 9.36 15.74
CA LYS A 136 -22.51 7.97 16.08
C LYS A 136 -21.31 7.07 15.76
N LYS A 137 -21.34 5.88 16.36
CA LYS A 137 -20.24 4.92 16.26
C LYS A 137 -20.12 4.40 14.82
N VAL A 138 -18.88 4.25 14.37
CA VAL A 138 -18.54 3.69 13.07
C VAL A 138 -17.84 2.36 13.33
N THR A 139 -18.39 1.31 12.75
CA THR A 139 -17.88 -0.06 12.92
C THR A 139 -17.45 -0.74 11.61
N HIS A 140 -17.79 -0.15 10.46
CA HIS A 140 -17.56 -0.76 9.15
C HIS A 140 -16.90 0.26 8.22
N ALA A 141 -16.00 -0.22 7.38
CA ALA A 141 -15.25 0.67 6.49
C ALA A 141 -14.80 -0.04 5.23
N VAL A 142 -14.65 0.74 4.17
CA VAL A 142 -13.89 0.35 3.01
C VAL A 142 -12.53 1.02 3.10
N VAL A 143 -11.46 0.26 2.97
CA VAL A 143 -10.09 0.79 3.11
C VAL A 143 -9.31 0.56 1.84
N THR A 144 -8.53 1.56 1.42
CA THR A 144 -7.78 1.52 0.19
C THR A 144 -6.44 0.80 0.36
N VAL A 145 -5.97 0.19 -0.71
CA VAL A 145 -4.60 -0.34 -0.83
C VAL A 145 -4.09 -0.06 -2.24
N PRO A 146 -2.77 -0.02 -2.42
CA PRO A 146 -2.22 0.03 -3.78
C PRO A 146 -2.64 -1.20 -4.57
N ALA A 147 -2.93 -1.01 -5.85
CA ALA A 147 -3.33 -2.14 -6.70
C ALA A 147 -2.28 -3.23 -6.75
N TYR A 148 -1.00 -2.86 -6.68
CA TYR A 148 0.07 -3.85 -6.77
C TYR A 148 0.51 -4.45 -5.42
N PHE A 149 -0.21 -4.13 -4.33
CA PHE A 149 0.02 -4.79 -3.02
C PHE A 149 -0.11 -6.29 -3.19
N ASN A 150 0.81 -7.01 -2.55
CA ASN A 150 0.83 -8.46 -2.54
C ASN A 150 -0.09 -9.00 -1.44
N ASP A 151 -0.17 -10.32 -1.33
CA ASP A 151 -1.07 -10.96 -0.37
C ASP A 151 -0.82 -10.51 1.07
N ALA A 152 0.46 -10.49 1.46
CA ALA A 152 0.83 -10.14 2.83
C ALA A 152 0.52 -8.69 3.17
N GLN A 153 0.73 -7.82 2.19
CA GLN A 153 0.43 -6.39 2.37
C GLN A 153 -1.08 -6.16 2.52
N ARG A 154 -1.88 -6.87 1.74
CA ARG A 154 -3.35 -6.79 1.86
C ARG A 154 -3.85 -7.31 3.20
N GLN A 155 -3.37 -8.49 3.61
CA GLN A 155 -3.80 -9.04 4.89
C GLN A 155 -3.38 -8.15 6.06
N ALA A 156 -2.18 -7.59 5.98
CA ALA A 156 -1.70 -6.74 7.07
C ALA A 156 -2.53 -5.46 7.18
N THR A 157 -2.99 -4.94 6.06
CA THR A 157 -3.88 -3.77 6.07
C THR A 157 -5.25 -4.10 6.66
N LYS A 158 -5.80 -5.25 6.30
CA LYS A 158 -7.04 -5.72 6.89
C LYS A 158 -6.89 -5.88 8.41
N ASP A 159 -5.75 -6.45 8.85
CA ASP A 159 -5.46 -6.60 10.28
C ASP A 159 -5.36 -5.26 11.03
N ALA A 160 -4.77 -4.25 10.38
CA ALA A 160 -4.77 -2.88 10.96
C ALA A 160 -6.20 -2.42 11.22
N GLY A 161 -7.08 -2.66 10.25
CA GLY A 161 -8.49 -2.34 10.42
C GLY A 161 -9.10 -3.04 11.60
N THR A 162 -8.83 -4.34 11.74
CA THR A 162 -9.38 -5.12 12.84
C THR A 162 -8.90 -4.60 14.20
N ILE A 163 -7.62 -4.26 14.29
CA ILE A 163 -7.05 -3.71 15.53
C ILE A 163 -7.72 -2.37 15.86
N ALA A 164 -8.03 -1.57 14.83
CA ALA A 164 -8.72 -0.28 15.00
C ALA A 164 -10.23 -0.42 15.29
N GLY A 165 -10.76 -1.64 15.41
CA GLY A 165 -12.19 -1.81 15.66
C GLY A 165 -13.08 -1.67 14.45
N LEU A 166 -12.50 -1.83 13.26
CA LEU A 166 -13.26 -1.76 12.04
C LEU A 166 -13.46 -3.14 11.45
N ASN A 167 -14.69 -3.46 11.08
CA ASN A 167 -14.96 -4.56 10.16
C ASN A 167 -14.66 -3.99 8.79
N VAL A 168 -13.56 -4.45 8.19
CA VAL A 168 -13.21 -4.01 6.86
C VAL A 168 -14.02 -4.85 5.89
N MET A 169 -15.06 -4.23 5.36
CA MET A 169 -16.01 -4.89 4.46
C MET A 169 -15.41 -5.19 3.11
N ARG A 170 -14.46 -4.36 2.71
CA ARG A 170 -13.87 -4.44 1.40
C ARG A 170 -12.57 -3.66 1.42
N ILE A 171 -11.53 -4.28 0.91
CA ILE A 171 -10.30 -3.60 0.49
C ILE A 171 -10.53 -3.17 -0.96
N ILE A 172 -10.25 -1.90 -1.27
CA ILE A 172 -10.40 -1.37 -2.64
C ILE A 172 -9.05 -0.88 -3.16
N ASN A 173 -8.71 -1.25 -4.40
CA ASN A 173 -7.45 -0.83 -5.00
C ASN A 173 -7.52 0.67 -5.36
N GLU A 174 -6.45 1.40 -5.06
CA GLU A 174 -6.42 2.87 -5.27
C GLU A 174 -6.85 3.35 -6.66
N PRO A 175 -6.31 2.77 -7.76
CA PRO A 175 -6.75 3.27 -9.05
C PRO A 175 -8.21 3.02 -9.36
N THR A 176 -8.76 1.93 -8.85
CA THR A 176 -10.15 1.59 -9.04
C THR A 176 -11.02 2.61 -8.32
N ALA A 177 -10.64 2.96 -7.09
CA ALA A 177 -11.34 4.02 -6.34
C ALA A 177 -11.33 5.36 -7.11
N ALA A 178 -10.17 5.75 -7.63
CA ALA A 178 -10.05 6.97 -8.43
C ALA A 178 -10.93 6.92 -9.70
N ALA A 179 -10.99 5.75 -10.33
CA ALA A 179 -11.83 5.56 -11.50
C ALA A 179 -13.33 5.80 -11.19
N ILE A 180 -13.77 5.36 -10.01
CA ILE A 180 -15.15 5.57 -9.55
C ILE A 180 -15.39 7.07 -9.37
N ALA A 181 -14.44 7.76 -8.74
CA ALA A 181 -14.52 9.22 -8.60
C ALA A 181 -14.67 9.91 -9.94
N TYR A 182 -13.87 9.48 -10.92
CA TYR A 182 -13.95 9.99 -12.31
C TYR A 182 -15.27 9.67 -13.00
N GLY A 183 -15.68 8.40 -12.94
CA GLY A 183 -16.67 7.85 -13.87
C GLY A 183 -18.09 7.62 -13.36
N LEU A 184 -18.30 7.83 -12.06
CA LEU A 184 -19.63 7.79 -11.45
C LEU A 184 -20.58 8.72 -12.21
N ASP A 185 -21.76 8.20 -12.53
CA ASP A 185 -22.80 8.98 -13.23
C ASP A 185 -22.47 9.40 -14.68
N LYS A 186 -21.37 8.90 -15.25
CA LYS A 186 -21.12 9.06 -16.68
C LYS A 186 -21.99 8.06 -17.41
N ARG A 187 -22.80 8.56 -18.34
CA ARG A 187 -23.71 7.71 -19.13
C ARG A 187 -23.26 7.63 -20.59
N GLU A 188 -21.96 7.82 -20.82
CA GLU A 188 -21.38 7.85 -22.17
C GLU A 188 -21.18 6.41 -22.63
N GLY A 189 -20.68 6.23 -23.86
CA GLY A 189 -20.36 4.89 -24.36
C GLY A 189 -19.26 4.23 -23.54
N GLU A 190 -18.94 2.98 -23.85
CA GLU A 190 -17.80 2.30 -23.21
C GLU A 190 -16.50 3.03 -23.56
N LYS A 191 -15.74 3.39 -22.53
CA LYS A 191 -14.50 4.15 -22.65
C LYS A 191 -13.36 3.37 -21.98
N ASN A 192 -12.17 3.48 -22.57
CA ASN A 192 -10.93 2.93 -22.00
C ASN A 192 -10.25 4.04 -21.21
N ILE A 193 -10.08 3.82 -19.91
CA ILE A 193 -9.54 4.82 -19.00
C ILE A 193 -8.21 4.32 -18.46
N LEU A 194 -7.16 5.14 -18.56
CA LEU A 194 -5.86 4.83 -17.97
C LEU A 194 -5.71 5.66 -16.71
N VAL A 195 -5.57 5.00 -15.55
CA VAL A 195 -5.35 5.67 -14.27
C VAL A 195 -3.87 5.54 -13.94
N PHE A 196 -3.21 6.68 -13.77
CA PHE A 196 -1.78 6.78 -13.45
C PHE A 196 -1.73 7.35 -12.04
N ASP A 197 -1.32 6.53 -11.08
CA ASP A 197 -1.49 6.80 -9.66
C ASP A 197 -0.14 6.78 -8.96
N LEU A 198 0.40 7.97 -8.67
CA LEU A 198 1.72 8.11 -8.07
C LEU A 198 1.57 8.93 -6.78
N GLY A 199 1.61 8.24 -5.65
CA GLY A 199 1.37 8.84 -4.34
C GLY A 199 2.64 9.15 -3.59
N GLY A 200 2.55 9.08 -2.26
CA GLY A 200 3.71 9.29 -1.39
C GLY A 200 4.64 8.11 -1.30
N GLY A 201 4.13 6.90 -1.54
CA GLY A 201 4.94 5.70 -1.39
C GLY A 201 4.90 4.63 -2.47
N ALA A 202 3.82 4.57 -3.23
CA ALA A 202 3.60 3.50 -4.18
C ALA A 202 3.08 4.06 -5.50
N PHE A 203 3.35 3.30 -6.56
CA PHE A 203 2.96 3.66 -7.91
C PHE A 203 2.12 2.54 -8.51
N ASP A 204 0.96 2.89 -9.07
CA ASP A 204 0.07 1.96 -9.75
C ASP A 204 -0.34 2.51 -11.11
N VAL A 205 -0.44 1.63 -12.10
CA VAL A 205 -1.12 1.97 -13.36
C VAL A 205 -2.21 0.93 -13.60
N SER A 206 -3.44 1.38 -13.83
CA SER A 206 -4.53 0.47 -14.22
C SER A 206 -5.26 0.93 -15.48
N LEU A 207 -5.57 -0.01 -16.37
CA LEU A 207 -6.43 0.26 -17.53
C LEU A 207 -7.80 -0.33 -17.19
N LEU A 208 -8.83 0.52 -17.23
CA LEU A 208 -10.20 0.09 -16.98
C LEU A 208 -11.08 0.36 -18.19
N THR A 209 -12.07 -0.50 -18.38
CA THR A 209 -13.24 -0.15 -19.19
C THR A 209 -14.33 0.37 -18.25
N ILE A 210 -15.00 1.43 -18.65
CA ILE A 210 -16.09 2.02 -17.87
C ILE A 210 -17.26 2.25 -18.81
N ASP A 211 -18.42 1.71 -18.45
CA ASP A 211 -19.59 1.76 -19.31
C ASP A 211 -20.86 1.78 -18.44
N ASN A 212 -21.44 2.96 -18.28
CA ASN A 212 -22.70 3.16 -17.53
C ASN A 212 -22.77 2.42 -16.20
N GLY A 213 -21.80 2.75 -15.35
CA GLY A 213 -21.72 2.21 -13.99
C GLY A 213 -21.04 0.87 -13.84
N VAL A 214 -20.59 0.26 -14.94
CA VAL A 214 -19.87 -1.03 -14.90
C VAL A 214 -18.38 -0.74 -15.12
N PHE A 215 -17.57 -1.01 -14.10
CA PHE A 215 -16.15 -0.72 -14.09
C PHE A 215 -15.43 -2.05 -14.11
N GLU A 216 -14.54 -2.25 -15.09
CA GLU A 216 -13.73 -3.47 -15.12
C GLU A 216 -12.25 -3.12 -15.28
N VAL A 217 -11.41 -3.64 -14.38
CA VAL A 217 -9.95 -3.52 -14.54
C VAL A 217 -9.54 -4.60 -15.52
N VAL A 218 -8.94 -4.18 -16.63
CA VAL A 218 -8.43 -5.08 -17.68
C VAL A 218 -6.98 -5.50 -17.39
N ALA A 219 -6.17 -4.57 -16.90
CA ALA A 219 -4.78 -4.83 -16.60
C ALA A 219 -4.24 -3.81 -15.59
N THR A 220 -3.32 -4.26 -14.74
CA THR A 220 -2.70 -3.40 -13.75
C THR A 220 -1.23 -3.79 -13.60
N ASN A 221 -0.39 -2.80 -13.30
CA ASN A 221 1.02 -3.05 -13.01
C ASN A 221 1.55 -1.86 -12.21
N GLY A 222 2.49 -2.10 -11.32
CA GLY A 222 3.00 -1.02 -10.48
C GLY A 222 4.33 -1.32 -9.82
N ASP A 223 4.65 -0.50 -8.82
CA ASP A 223 5.89 -0.61 -8.06
C ASP A 223 5.52 -0.12 -6.66
N THR A 224 5.50 -1.03 -5.69
CA THR A 224 4.99 -0.68 -4.34
C THR A 224 5.97 0.13 -3.48
N HIS A 225 7.16 0.40 -4.02
CA HIS A 225 8.19 1.17 -3.32
C HIS A 225 8.74 2.31 -4.19
N LEU A 226 7.84 2.94 -4.94
CA LEU A 226 8.15 4.13 -5.74
C LEU A 226 7.09 5.21 -5.50
N GLY A 227 7.52 6.35 -4.98
CA GLY A 227 6.60 7.45 -4.71
C GLY A 227 7.31 8.70 -4.27
N GLY A 228 6.53 9.68 -3.83
CA GLY A 228 7.09 10.97 -3.45
C GLY A 228 8.17 10.94 -2.38
N GLU A 229 8.07 9.99 -1.44
CA GLU A 229 9.06 9.83 -0.38
C GLU A 229 10.44 9.51 -0.97
N ASP A 230 10.47 8.73 -2.05
CA ASP A 230 11.75 8.41 -2.69
C ASP A 230 12.36 9.60 -3.40
N PHE A 231 11.53 10.48 -3.95
CA PHE A 231 12.04 11.71 -4.57
C PHE A 231 12.67 12.62 -3.51
N ASP A 232 12.04 12.71 -2.34
CA ASP A 232 12.63 13.45 -1.22
C ASP A 232 13.95 12.83 -0.80
N GLN A 233 13.96 11.52 -0.66
CA GLN A 233 15.14 10.81 -0.15
C GLN A 233 16.34 10.90 -1.12
N ARG A 234 16.11 10.91 -2.43
CA ARG A 234 17.19 11.17 -3.41
C ARG A 234 17.85 12.54 -3.21
N VAL A 235 17.03 13.56 -2.97
CA VAL A 235 17.54 14.92 -2.73
C VAL A 235 18.24 14.99 -1.36
N MET A 236 17.66 14.34 -0.34
CA MET A 236 18.31 14.24 0.99
C MET A 236 19.72 13.63 0.90
N GLU A 237 19.83 12.50 0.21
CA GLU A 237 21.11 11.83 0.05
C GLU A 237 22.12 12.67 -0.71
N HIS A 238 21.66 13.40 -1.72
CA HIS A 238 22.51 14.33 -2.47
C HIS A 238 23.14 15.36 -1.54
N PHE A 239 22.33 15.95 -0.66
CA PHE A 239 22.84 16.95 0.28
C PHE A 239 23.66 16.38 1.44
N ILE A 240 23.31 15.18 1.91
CA ILE A 240 24.13 14.49 2.95
C ILE A 240 25.55 14.23 2.41
N LYS A 241 25.62 13.73 1.17
CA LYS A 241 26.92 13.49 0.52
C LYS A 241 27.70 14.77 0.20
N LEU A 242 26.99 15.79 -0.28
CA LEU A 242 27.57 17.11 -0.56
C LEU A 242 28.15 17.78 0.69
N TYR A 243 27.46 17.62 1.82
CA TYR A 243 27.93 18.16 3.11
C TYR A 243 29.21 17.47 3.58
N LYS A 244 29.24 16.14 3.46
CA LYS A 244 30.44 15.38 3.83
C LYS A 244 31.63 15.70 2.93
N LYS A 245 31.39 15.92 1.64
CA LYS A 245 32.46 16.30 0.71
C LYS A 245 33.03 17.67 1.06
N LYS A 246 32.15 18.63 1.32
CA LYS A 246 32.55 20.02 1.60
C LYS A 246 33.13 20.26 3.00
N THR A 247 32.71 19.47 3.99
CA THR A 247 33.12 19.68 5.40
C THR A 247 33.83 18.52 6.09
N GLY A 248 33.73 17.31 5.53
CA GLY A 248 34.21 16.09 6.20
C GLY A 248 33.27 15.51 7.26
N LYS A 249 32.11 16.12 7.47
CA LYS A 249 31.19 15.71 8.54
C LYS A 249 30.06 14.83 8.00
N ASP A 250 29.87 13.66 8.63
CA ASP A 250 28.83 12.71 8.26
C ASP A 250 27.63 12.89 9.19
N VAL A 251 26.54 13.45 8.66
CA VAL A 251 25.36 13.77 9.47
C VAL A 251 24.32 12.65 9.59
N ARG A 252 24.55 11.52 8.90
CA ARG A 252 23.57 10.44 8.75
C ARG A 252 23.13 9.72 10.03
N LYS A 253 23.83 9.95 11.14
CA LYS A 253 23.48 9.41 12.47
C LYS A 253 22.79 10.43 13.40
N ASP A 254 22.94 11.73 13.14
CA ASP A 254 22.24 12.77 13.88
C ASP A 254 20.82 12.86 13.33
N ASN A 255 19.85 12.27 14.02
CA ASN A 255 18.49 12.17 13.49
C ASN A 255 17.81 13.51 13.32
N ARG A 256 18.11 14.47 14.18
CA ARG A 256 17.54 15.82 14.06
C ARG A 256 17.99 16.49 12.76
N ALA A 257 19.26 16.33 12.41
CA ALA A 257 19.80 16.90 11.15
C ALA A 257 19.11 16.27 9.94
N VAL A 258 19.04 14.95 9.92
CA VAL A 258 18.47 14.25 8.77
C VAL A 258 16.99 14.61 8.58
N GLN A 259 16.23 14.72 9.67
CA GLN A 259 14.82 15.01 9.57
C GLN A 259 14.52 16.51 9.37
N LYS A 260 15.40 17.40 9.83
CA LYS A 260 15.31 18.81 9.41
C LYS A 260 15.52 18.96 7.90
N LEU A 261 16.47 18.20 7.36
CA LEU A 261 16.70 18.15 5.91
C LEU A 261 15.46 17.62 5.16
N ARG A 262 14.85 16.54 5.66
CA ARG A 262 13.58 16.04 5.09
C ARG A 262 12.50 17.12 5.01
N ARG A 263 12.29 17.82 6.12
CA ARG A 263 11.25 18.86 6.18
C ARG A 263 11.48 19.92 5.11
N GLU A 264 12.73 20.34 4.96
CA GLU A 264 13.10 21.37 4.00
C GLU A 264 13.03 20.91 2.56
N VAL A 265 13.41 19.65 2.32
CA VAL A 265 13.35 19.10 0.97
C VAL A 265 11.89 18.96 0.49
N GLU A 266 11.02 18.47 1.37
CA GLU A 266 9.60 18.34 1.07
C GLU A 266 9.01 19.71 0.66
N LYS A 267 9.32 20.74 1.44
CA LYS A 267 8.86 22.10 1.15
C LYS A 267 9.37 22.58 -0.21
N ALA A 268 10.67 22.36 -0.47
CA ALA A 268 11.28 22.75 -1.74
C ALA A 268 10.69 22.02 -2.94
N LYS A 269 10.47 20.71 -2.79
CA LYS A 269 9.89 19.90 -3.87
C LYS A 269 8.54 20.44 -4.30
N ARG A 270 7.67 20.74 -3.34
CA ARG A 270 6.36 21.31 -3.63
C ARG A 270 6.47 22.66 -4.31
N ALA A 271 7.37 23.51 -3.83
CA ALA A 271 7.63 24.82 -4.44
C ALA A 271 8.07 24.68 -5.89
N LEU A 272 8.91 23.70 -6.17
CA LEU A 272 9.44 23.47 -7.52
C LEU A 272 8.42 22.93 -8.54
N SER A 273 7.20 22.62 -8.10
CA SER A 273 6.12 22.30 -9.04
C SER A 273 5.54 23.56 -9.73
N SER A 274 5.76 24.74 -9.16
CA SER A 274 5.35 26.03 -9.77
C SER A 274 6.46 27.10 -9.93
N GLN A 275 7.57 26.97 -9.19
CA GLN A 275 8.78 27.83 -9.36
C GLN A 275 9.88 27.02 -10.03
N HIS A 276 10.92 27.70 -10.53
CA HIS A 276 12.11 27.04 -11.09
C HIS A 276 13.30 26.98 -10.12
N GLN A 277 13.20 27.63 -8.96
CA GLN A 277 14.24 27.55 -7.92
C GLN A 277 13.61 27.54 -6.53
N ALA A 278 14.31 26.95 -5.55
CA ALA A 278 13.85 26.92 -4.16
C ALA A 278 15.03 26.97 -3.20
N ARG A 279 14.92 27.81 -2.16
CA ARG A 279 15.98 27.95 -1.16
C ARG A 279 15.75 27.01 0.02
N ILE A 280 16.74 26.16 0.30
CA ILE A 280 16.74 25.30 1.50
C ILE A 280 17.55 26.01 2.58
N GLU A 281 16.95 26.23 3.75
CA GLU A 281 17.59 26.91 4.88
C GLU A 281 17.35 26.11 6.17
N ILE A 282 18.43 25.68 6.82
CA ILE A 282 18.33 25.03 8.13
C ILE A 282 19.26 25.73 9.10
N GLU A 283 18.67 26.44 10.06
CA GLU A 283 19.39 27.00 11.20
C GLU A 283 19.65 25.86 12.17
N SER A 284 20.92 25.69 12.58
CA SER A 284 21.33 24.59 13.47
C SER A 284 21.09 23.23 12.81
N PHE A 285 21.81 23.02 11.70
CA PHE A 285 21.74 21.77 10.95
C PHE A 285 22.49 20.68 11.69
N PHE A 286 23.79 20.89 11.91
CA PHE A 286 24.65 19.89 12.52
C PHE A 286 25.74 20.56 13.35
N GLU A 287 25.82 20.15 14.63
CA GLU A 287 26.73 20.75 15.61
C GLU A 287 26.57 22.28 15.66
N GLY A 288 25.31 22.75 15.68
CA GLY A 288 24.98 24.17 15.77
C GLY A 288 25.31 25.05 14.56
N GLU A 289 25.62 24.43 13.41
CA GLU A 289 26.01 25.17 12.21
C GLU A 289 24.89 25.17 11.18
N ASP A 290 24.86 26.19 10.35
CA ASP A 290 23.74 26.39 9.41
C ASP A 290 23.99 25.72 8.06
N PHE A 291 22.91 25.49 7.34
CA PHE A 291 22.93 24.90 6.01
C PHE A 291 22.02 25.71 5.08
N SER A 292 22.60 26.26 4.02
CA SER A 292 21.87 27.00 2.98
C SER A 292 22.28 26.46 1.62
N GLU A 293 21.30 26.02 0.82
CA GLU A 293 21.54 25.62 -0.58
C GLU A 293 20.34 26.02 -1.43
N THR A 294 20.57 26.33 -2.71
CA THR A 294 19.50 26.59 -3.67
C THR A 294 19.31 25.33 -4.52
N LEU A 295 18.08 24.83 -4.56
CA LEU A 295 17.73 23.69 -5.39
C LEU A 295 16.92 24.21 -6.59
N THR A 296 17.45 23.98 -7.79
CA THR A 296 16.75 24.34 -9.01
C THR A 296 15.86 23.18 -9.42
N ARG A 297 14.83 23.49 -10.21
CA ARG A 297 13.98 22.46 -10.79
C ARG A 297 14.81 21.50 -11.63
N ALA A 298 15.74 22.04 -12.41
CA ALA A 298 16.67 21.23 -13.20
C ALA A 298 17.43 20.20 -12.36
N LYS A 299 17.97 20.62 -11.22
CA LYS A 299 18.71 19.72 -10.34
C LYS A 299 17.81 18.66 -9.71
N PHE A 300 16.63 19.08 -9.24
CA PHE A 300 15.62 18.16 -8.70
C PHE A 300 15.25 17.08 -9.72
N GLU A 301 15.02 17.50 -10.96
CA GLU A 301 14.70 16.57 -12.05
C GLU A 301 15.85 15.60 -12.35
N GLU A 302 17.08 16.13 -12.48
CA GLU A 302 18.27 15.29 -12.71
C GLU A 302 18.49 14.24 -11.63
N LEU A 303 18.35 14.62 -10.35
CA LEU A 303 18.53 13.69 -9.25
C LEU A 303 17.52 12.54 -9.24
N ASN A 304 16.35 12.78 -9.82
CA ASN A 304 15.26 11.81 -9.87
C ASN A 304 14.92 11.26 -11.26
N MET A 305 15.66 11.63 -12.31
CA MET A 305 15.20 11.36 -13.68
C MET A 305 15.01 9.86 -13.97
N ASP A 306 15.89 9.02 -13.45
CA ASP A 306 15.75 7.56 -13.64
C ASP A 306 14.46 7.03 -12.99
N LEU A 307 14.12 7.54 -11.80
CA LEU A 307 12.85 7.16 -11.15
C LEU A 307 11.64 7.68 -11.93
N PHE A 308 11.69 8.93 -12.38
CA PHE A 308 10.61 9.51 -13.20
C PHE A 308 10.42 8.72 -14.50
N ARG A 309 11.52 8.44 -15.19
CA ARG A 309 11.46 7.66 -16.44
C ARG A 309 11.00 6.22 -16.21
N SER A 310 11.29 5.64 -15.04
CA SER A 310 10.82 4.27 -14.72
C SER A 310 9.30 4.14 -14.59
N THR A 311 8.57 5.24 -14.40
CA THR A 311 7.09 5.18 -14.34
C THR A 311 6.45 4.78 -15.70
N MET A 312 7.17 4.98 -16.80
CA MET A 312 6.71 4.54 -18.13
C MET A 312 6.76 3.01 -18.31
N LYS A 313 7.59 2.32 -17.52
CA LYS A 313 7.72 0.85 -17.62
C LYS A 313 6.38 0.12 -17.32
N PRO A 314 5.73 0.43 -16.19
CA PRO A 314 4.39 -0.15 -15.97
C PRO A 314 3.32 0.29 -16.95
N VAL A 315 3.44 1.49 -17.52
CA VAL A 315 2.46 1.95 -18.50
C VAL A 315 2.54 1.05 -19.73
N GLN A 316 3.75 0.79 -20.22
CA GLN A 316 3.93 -0.08 -21.39
C GLN A 316 3.48 -1.52 -21.08
N LYS A 317 3.75 -1.99 -19.86
CA LYS A 317 3.34 -3.34 -19.45
C LYS A 317 1.82 -3.50 -19.48
N VAL A 318 1.10 -2.47 -19.04
CA VAL A 318 -0.37 -2.46 -19.08
C VAL A 318 -0.94 -2.43 -20.51
N LEU A 319 -0.34 -1.62 -21.39
CA LEU A 319 -0.78 -1.57 -22.77
C LEU A 319 -0.57 -2.91 -23.47
N GLU A 320 0.57 -3.55 -23.21
CA GLU A 320 0.87 -4.87 -23.78
C GLU A 320 -0.10 -5.97 -23.29
N ASP A 321 -0.38 -6.01 -21.99
CA ASP A 321 -1.35 -6.97 -21.45
C ASP A 321 -2.79 -6.75 -21.91
N SER A 322 -3.19 -5.50 -22.07
CA SER A 322 -4.56 -5.18 -22.50
C SER A 322 -4.78 -5.34 -24.00
N ASP A 323 -3.69 -5.45 -24.77
CA ASP A 323 -3.73 -5.53 -26.23
C ASP A 323 -4.24 -4.25 -26.88
N LEU A 324 -4.04 -3.10 -26.22
CA LEU A 324 -4.51 -1.81 -26.72
C LEU A 324 -3.34 -0.98 -27.21
N LYS A 325 -3.61 -0.09 -28.17
CA LYS A 325 -2.64 0.91 -28.60
C LYS A 325 -2.86 2.19 -27.79
N LYS A 326 -1.86 3.06 -27.79
CA LYS A 326 -1.94 4.38 -27.15
C LYS A 326 -3.20 5.16 -27.56
N SER A 327 -3.53 5.10 -28.84
CA SER A 327 -4.70 5.81 -29.40
C SER A 327 -6.07 5.27 -28.95
N ASP A 328 -6.11 4.05 -28.39
CA ASP A 328 -7.35 3.50 -27.82
C ASP A 328 -7.69 4.07 -26.45
N ILE A 329 -6.72 4.70 -25.80
CA ILE A 329 -6.94 5.31 -24.49
C ILE A 329 -7.76 6.58 -24.65
N ASP A 330 -8.95 6.56 -24.05
CA ASP A 330 -9.91 7.65 -24.18
C ASP A 330 -9.67 8.77 -23.15
N GLU A 331 -9.29 8.41 -21.93
CA GLU A 331 -8.98 9.38 -20.89
C GLU A 331 -7.79 8.94 -20.07
N ILE A 332 -6.95 9.92 -19.68
CA ILE A 332 -5.88 9.70 -18.70
C ILE A 332 -6.28 10.42 -17.41
N VAL A 333 -6.40 9.66 -16.33
CA VAL A 333 -6.74 10.20 -15.02
C VAL A 333 -5.47 10.16 -14.18
N LEU A 334 -4.95 11.34 -13.84
CA LEU A 334 -3.80 11.47 -12.94
C LEU A 334 -4.27 11.55 -11.50
N VAL A 335 -3.72 10.70 -10.64
CA VAL A 335 -4.08 10.68 -9.21
C VAL A 335 -2.82 10.45 -8.38
N GLY A 336 -2.87 10.90 -7.14
CA GLY A 336 -1.72 10.96 -6.27
C GLY A 336 -1.05 12.32 -6.37
N GLY A 337 -0.56 12.81 -5.23
CA GLY A 337 0.00 14.15 -5.15
C GLY A 337 1.29 14.33 -5.93
N SER A 338 2.04 13.25 -6.15
CA SER A 338 3.28 13.33 -6.94
C SER A 338 3.04 13.56 -8.42
N THR A 339 1.82 13.35 -8.90
CA THR A 339 1.46 13.72 -10.27
C THR A 339 1.41 15.24 -10.48
N ARG A 340 1.53 16.03 -9.41
CA ARG A 340 1.67 17.49 -9.56
C ARG A 340 3.02 17.93 -10.11
N ILE A 341 4.01 17.04 -10.07
CA ILE A 341 5.37 17.33 -10.57
C ILE A 341 5.33 17.57 -12.10
N PRO A 342 5.74 18.76 -12.57
CA PRO A 342 5.62 19.03 -14.01
C PRO A 342 6.27 17.99 -14.94
N LYS A 343 7.43 17.45 -14.56
CA LYS A 343 8.14 16.48 -15.41
C LYS A 343 7.37 15.16 -15.54
N ILE A 344 6.67 14.78 -14.49
CA ILE A 344 5.81 13.58 -14.54
C ILE A 344 4.67 13.81 -15.53
N GLN A 345 4.03 14.97 -15.46
CA GLN A 345 2.94 15.33 -16.39
C GLN A 345 3.43 15.37 -17.83
N GLN A 346 4.63 15.93 -18.02
CA GLN A 346 5.28 15.99 -19.33
C GLN A 346 5.60 14.58 -19.86
N LEU A 347 6.17 13.72 -19.03
CA LEU A 347 6.46 12.35 -19.46
C LEU A 347 5.22 11.57 -19.89
N VAL A 348 4.13 11.70 -19.13
CA VAL A 348 2.87 11.02 -19.45
C VAL A 348 2.28 11.61 -20.74
N LYS A 349 2.23 12.95 -20.84
CA LYS A 349 1.71 13.62 -22.03
C LYS A 349 2.47 13.22 -23.29
N GLU A 350 3.81 13.16 -23.20
CA GLU A 350 4.65 12.78 -24.35
C GLU A 350 4.54 11.30 -24.73
N PHE A 351 4.35 10.43 -23.73
CA PHE A 351 4.11 9.00 -24.00
C PHE A 351 2.84 8.79 -24.83
N PHE A 352 1.79 9.52 -24.50
CA PHE A 352 0.51 9.46 -25.23
C PHE A 352 0.38 10.55 -26.29
N ASN A 353 1.51 10.94 -26.89
CA ASN A 353 1.55 11.77 -28.09
C ASN A 353 0.76 13.08 -27.97
N GLY A 354 0.86 13.72 -26.80
CA GLY A 354 0.29 15.06 -26.58
C GLY A 354 -1.07 15.13 -25.90
N LYS A 355 -1.66 13.98 -25.59
CA LYS A 355 -2.99 13.93 -24.97
C LYS A 355 -3.00 14.50 -23.54
N GLU A 356 -3.95 15.40 -23.26
CA GLU A 356 -4.09 16.03 -21.96
C GLU A 356 -4.86 15.12 -20.99
N PRO A 357 -4.52 15.15 -19.69
CA PRO A 357 -5.30 14.43 -18.68
C PRO A 357 -6.70 15.00 -18.43
N SER A 358 -7.56 14.19 -17.81
CA SER A 358 -8.92 14.60 -17.49
C SER A 358 -8.91 15.72 -16.45
N ARG A 359 -9.81 16.67 -16.62
CA ARG A 359 -9.95 17.80 -15.72
C ARG A 359 -11.04 17.48 -14.70
N GLY A 360 -11.08 18.26 -13.63
CA GLY A 360 -12.13 18.16 -12.59
C GLY A 360 -11.88 17.11 -11.53
N ILE A 361 -10.62 16.70 -11.37
CA ILE A 361 -10.22 15.65 -10.45
C ILE A 361 -9.08 16.16 -9.59
N ASN A 362 -9.30 16.23 -8.28
CA ASN A 362 -8.25 16.56 -7.33
C ASN A 362 -7.43 15.29 -7.10
N PRO A 363 -6.16 15.27 -7.57
CA PRO A 363 -5.37 14.04 -7.37
C PRO A 363 -5.10 13.61 -5.93
N ASP A 364 -5.15 14.54 -4.97
CA ASP A 364 -5.01 14.22 -3.55
C ASP A 364 -6.25 13.60 -2.92
N GLU A 365 -7.44 13.79 -3.52
CA GLU A 365 -8.71 13.38 -2.91
C GLU A 365 -9.50 12.30 -3.68
N ALA A 366 -9.16 12.06 -4.95
CA ALA A 366 -9.94 11.14 -5.82
C ALA A 366 -10.11 9.73 -5.23
N VAL A 367 -9.04 9.20 -4.63
CA VAL A 367 -9.06 7.87 -4.03
C VAL A 367 -10.07 7.79 -2.85
N ALA A 368 -9.98 8.73 -1.91
CA ALA A 368 -10.94 8.80 -0.81
C ALA A 368 -12.38 8.93 -1.29
N TYR A 369 -12.58 9.76 -2.32
CA TYR A 369 -13.90 9.96 -2.93
C TYR A 369 -14.49 8.63 -3.40
N GLY A 370 -13.70 7.87 -4.16
CA GLY A 370 -14.13 6.54 -4.62
C GLY A 370 -14.41 5.55 -3.52
N ALA A 371 -13.56 5.54 -2.49
CA ALA A 371 -13.77 4.64 -1.35
C ALA A 371 -15.10 4.95 -0.66
N ALA A 372 -15.42 6.24 -0.51
CA ALA A 372 -16.68 6.68 0.10
C ALA A 372 -17.90 6.23 -0.71
N VAL A 373 -17.81 6.36 -2.04
CA VAL A 373 -18.87 5.88 -2.92
C VAL A 373 -19.08 4.37 -2.74
N GLN A 374 -17.99 3.62 -2.79
CA GLN A 374 -18.06 2.18 -2.63
C GLN A 374 -18.67 1.79 -1.28
N ALA A 375 -18.29 2.51 -0.23
CA ALA A 375 -18.87 2.28 1.08
C ALA A 375 -20.39 2.49 1.07
N GLY A 376 -20.85 3.54 0.43
CA GLY A 376 -22.29 3.82 0.30
C GLY A 376 -23.03 2.73 -0.45
N VAL A 377 -22.45 2.28 -1.56
CA VAL A 377 -23.06 1.20 -2.34
C VAL A 377 -23.17 -0.09 -1.51
N LEU A 378 -22.06 -0.51 -0.89
CA LEU A 378 -22.06 -1.74 -0.09
C LEU A 378 -22.96 -1.71 1.16
N SER A 379 -23.24 -0.52 1.68
N SER A 379 -23.28 -0.54 1.67
CA SER A 379 -24.23 -0.30 2.75
CA SER A 379 -24.22 -0.40 2.78
C SER A 379 -25.66 -0.71 2.38
C SER A 379 -25.70 -0.43 2.38
N GLY A 380 -26.01 -0.56 1.09
CA GLY A 380 -27.38 -0.69 0.61
C GLY A 380 -28.06 0.64 0.30
N ASP A 381 -27.28 1.70 0.07
CA ASP A 381 -27.83 3.02 -0.28
C ASP A 381 -28.50 2.96 -1.65
N GLN A 382 -29.63 3.66 -1.79
CA GLN A 382 -30.37 3.69 -3.06
C GLN A 382 -30.24 5.01 -3.82
N ASP A 383 -29.60 6.01 -3.19
CA ASP A 383 -29.36 7.29 -3.84
C ASP A 383 -27.98 7.39 -4.52
N THR A 384 -27.22 6.28 -4.56
CA THR A 384 -26.03 6.15 -5.41
C THR A 384 -26.45 5.58 -6.78
N GLY A 385 -25.61 5.79 -7.80
CA GLY A 385 -25.80 5.09 -9.08
C GLY A 385 -25.53 3.61 -8.93
N ASP A 386 -26.06 2.79 -9.85
CA ASP A 386 -25.76 1.34 -9.89
C ASP A 386 -24.29 1.17 -10.23
N LEU A 387 -23.51 0.67 -9.26
CA LEU A 387 -22.08 0.46 -9.42
C LEU A 387 -21.82 -1.03 -9.46
N VAL A 388 -21.19 -1.50 -10.53
CA VAL A 388 -20.77 -2.90 -10.68
C VAL A 388 -19.26 -2.86 -10.89
N LEU A 389 -18.52 -3.58 -10.05
CA LEU A 389 -17.06 -3.55 -10.11
C LEU A 389 -16.51 -4.95 -10.37
N LEU A 390 -15.60 -5.04 -11.35
CA LEU A 390 -14.82 -6.25 -11.62
C LEU A 390 -13.35 -5.90 -11.49
N ASP A 391 -12.69 -6.36 -10.42
CA ASP A 391 -11.27 -6.08 -10.23
C ASP A 391 -10.47 -7.37 -10.27
N VAL A 392 -9.16 -7.24 -10.34
CA VAL A 392 -8.26 -8.34 -10.68
C VAL A 392 -7.19 -8.57 -9.63
N CYS A 393 -6.57 -9.74 -9.72
CA CYS A 393 -5.38 -10.03 -8.93
C CYS A 393 -4.17 -9.43 -9.68
N PRO A 394 -3.25 -8.77 -8.96
CA PRO A 394 -2.16 -8.09 -9.65
C PRO A 394 -0.99 -8.98 -10.10
N LEU A 395 -0.84 -10.15 -9.47
CA LEU A 395 0.35 -10.95 -9.61
C LEU A 395 -0.04 -12.38 -9.98
N THR A 396 0.73 -13.00 -10.87
CA THR A 396 0.55 -14.42 -11.16
C THR A 396 0.89 -15.20 -9.90
N LEU A 397 0.02 -16.14 -9.54
CA LEU A 397 0.33 -17.11 -8.49
C LEU A 397 0.82 -18.40 -9.14
N GLY A 398 1.87 -18.97 -8.59
CA GLY A 398 2.40 -20.24 -9.08
C GLY A 398 2.96 -21.08 -7.97
N ILE A 399 3.26 -22.33 -8.30
CA ILE A 399 3.83 -23.29 -7.36
C ILE A 399 5.24 -23.66 -7.83
N GLU A 400 6.16 -23.78 -6.88
CA GLU A 400 7.53 -24.23 -7.18
C GLU A 400 7.50 -25.71 -7.54
N THR A 401 8.06 -26.04 -8.71
CA THR A 401 8.24 -27.43 -9.14
C THR A 401 9.71 -27.70 -9.39
N VAL A 402 10.02 -28.99 -9.58
CA VAL A 402 11.38 -29.49 -9.80
C VAL A 402 12.24 -28.58 -10.71
N GLY A 403 13.41 -28.19 -10.21
CA GLY A 403 14.34 -27.29 -10.89
C GLY A 403 14.12 -25.81 -10.59
N GLY A 404 13.48 -25.51 -9.45
CA GLY A 404 13.12 -24.13 -9.07
C GLY A 404 12.24 -23.39 -10.06
N VAL A 405 11.35 -24.12 -10.74
CA VAL A 405 10.51 -23.58 -11.82
C VAL A 405 9.18 -23.02 -11.28
N MET A 406 8.80 -21.85 -11.79
CA MET A 406 7.52 -21.22 -11.49
C MET A 406 6.43 -21.83 -12.37
N THR A 407 5.68 -22.79 -11.84
CA THR A 407 4.54 -23.36 -12.59
C THR A 407 3.28 -22.56 -12.27
N LYS A 408 2.71 -21.91 -13.28
CA LYS A 408 1.61 -20.97 -13.08
C LYS A 408 0.33 -21.68 -12.65
N LEU A 409 -0.38 -21.07 -11.70
CA LEU A 409 -1.65 -21.55 -11.18
C LEU A 409 -2.78 -20.62 -11.57
N ILE A 410 -2.65 -19.34 -11.19
CA ILE A 410 -3.64 -18.32 -11.50
C ILE A 410 -2.87 -17.14 -12.11
N PRO A 411 -3.14 -16.80 -13.39
CA PRO A 411 -2.40 -15.71 -14.02
C PRO A 411 -2.76 -14.32 -13.50
N ARG A 412 -1.80 -13.41 -13.60
CA ARG A 412 -2.03 -11.99 -13.37
C ARG A 412 -3.22 -11.50 -14.16
N ASN A 413 -3.87 -10.46 -13.61
CA ASN A 413 -5.03 -9.80 -14.23
C ASN A 413 -6.28 -10.71 -14.35
N THR A 414 -6.39 -11.72 -13.49
CA THR A 414 -7.60 -12.55 -13.44
C THR A 414 -8.61 -11.87 -12.51
N VAL A 415 -9.88 -11.78 -12.96
CA VAL A 415 -10.94 -11.17 -12.13
C VAL A 415 -11.17 -12.02 -10.88
N VAL A 416 -11.30 -11.34 -9.74
CA VAL A 416 -11.52 -11.99 -8.45
C VAL A 416 -12.95 -11.76 -7.96
N PRO A 417 -13.52 -12.66 -7.15
CA PRO A 417 -12.88 -13.89 -6.67
C PRO A 417 -12.69 -14.97 -7.74
N THR A 418 -11.70 -15.83 -7.53
CA THR A 418 -11.37 -16.89 -8.49
C THR A 418 -10.72 -18.04 -7.73
N LYS A 419 -10.77 -19.24 -8.29
CA LYS A 419 -10.16 -20.39 -7.64
C LYS A 419 -9.59 -21.36 -8.65
N LYS A 420 -8.61 -22.13 -8.20
CA LYS A 420 -8.00 -23.20 -8.99
C LYS A 420 -7.74 -24.37 -8.07
N SER A 421 -8.01 -25.59 -8.53
CA SER A 421 -7.75 -26.80 -7.75
C SER A 421 -6.74 -27.70 -8.46
N GLN A 422 -6.06 -28.51 -7.67
CA GLN A 422 -5.06 -29.43 -8.18
C GLN A 422 -4.88 -30.58 -7.20
N ILE A 423 -4.66 -31.78 -7.74
CA ILE A 423 -4.49 -32.99 -6.95
C ILE A 423 -3.01 -33.18 -6.66
N PHE A 424 -2.69 -33.40 -5.38
CA PHE A 424 -1.34 -33.70 -4.91
C PHE A 424 -1.29 -35.09 -4.30
N SER A 425 -0.11 -35.70 -4.36
CA SER A 425 0.15 -36.99 -3.73
C SER A 425 1.52 -37.00 -3.05
N THR A 426 1.91 -38.20 -2.58
CA THR A 426 3.13 -38.40 -1.83
C THR A 426 4.24 -38.98 -2.71
N ALA A 427 5.48 -38.70 -2.32
CA ALA A 427 6.67 -39.19 -3.00
C ALA A 427 7.28 -40.43 -2.33
N SER A 428 6.95 -40.66 -1.05
CA SER A 428 7.51 -41.78 -0.28
C SER A 428 6.43 -42.55 0.53
N ASP A 429 6.72 -43.82 0.85
CA ASP A 429 5.75 -44.68 1.57
C ASP A 429 5.51 -44.11 2.98
N ASN A 430 4.21 -44.02 3.35
CA ASN A 430 3.76 -43.53 4.67
C ASN A 430 4.15 -42.08 4.97
N GLN A 431 4.36 -41.30 3.92
CA GLN A 431 4.69 -39.88 4.07
C GLN A 431 3.50 -39.19 4.72
N PRO A 432 3.72 -38.52 5.88
CA PRO A 432 2.59 -37.90 6.59
C PRO A 432 2.29 -36.46 6.18
N THR A 433 3.24 -35.80 5.50
CA THR A 433 3.13 -34.37 5.17
C THR A 433 3.63 -34.09 3.77
N VAL A 434 2.91 -33.24 3.03
CA VAL A 434 3.33 -32.78 1.70
C VAL A 434 3.41 -31.26 1.73
N THR A 435 4.53 -30.72 1.24
CA THR A 435 4.79 -29.28 1.26
C THR A 435 4.61 -28.65 -0.11
N ILE A 436 3.94 -27.50 -0.14
CA ILE A 436 3.67 -26.75 -1.37
C ILE A 436 4.14 -25.31 -1.16
N LYS A 437 5.04 -24.83 -2.02
CA LYS A 437 5.51 -23.44 -1.92
C LYS A 437 4.83 -22.60 -2.99
N VAL A 438 4.12 -21.56 -2.56
CA VAL A 438 3.37 -20.70 -3.47
C VAL A 438 4.12 -19.38 -3.65
N TYR A 439 4.30 -18.96 -4.91
CA TYR A 439 5.04 -17.73 -5.26
C TYR A 439 4.13 -16.76 -6.01
N GLU A 440 4.48 -15.47 -5.93
CA GLU A 440 3.83 -14.39 -6.65
C GLU A 440 4.85 -13.75 -7.56
N GLY A 441 4.54 -13.66 -8.85
CA GLY A 441 5.41 -12.96 -9.80
C GLY A 441 5.38 -13.52 -11.19
N GLU A 442 6.07 -12.82 -12.10
CA GLU A 442 5.98 -13.08 -13.53
C GLU A 442 7.24 -13.71 -14.14
N ARG A 443 8.25 -13.98 -13.33
CA ARG A 443 9.52 -14.54 -13.85
C ARG A 443 9.38 -16.06 -13.95
N PRO A 444 10.16 -16.71 -14.84
CA PRO A 444 9.98 -18.17 -14.99
C PRO A 444 10.59 -19.04 -13.87
N LEU A 445 11.54 -18.51 -13.11
CA LEU A 445 12.15 -19.21 -11.96
C LEU A 445 11.72 -18.61 -10.63
N THR A 446 11.38 -19.46 -9.66
CA THR A 446 10.83 -18.98 -8.39
C THR A 446 11.79 -18.12 -7.58
N LYS A 447 13.10 -18.37 -7.69
CA LYS A 447 14.12 -17.53 -7.02
C LYS A 447 14.03 -16.04 -7.40
N ASP A 448 13.43 -15.74 -8.55
CA ASP A 448 13.24 -14.36 -9.01
C ASP A 448 11.82 -13.82 -8.76
N ASN A 449 10.96 -14.61 -8.11
CA ASN A 449 9.62 -14.18 -7.70
C ASN A 449 9.55 -14.05 -6.19
N HIS A 450 8.38 -13.68 -5.66
CA HIS A 450 8.21 -13.45 -4.23
C HIS A 450 7.50 -14.64 -3.59
N LEU A 451 8.10 -15.17 -2.53
CA LEU A 451 7.45 -16.26 -1.77
C LEU A 451 6.20 -15.73 -1.06
N LEU A 452 5.04 -16.29 -1.36
CA LEU A 452 3.80 -15.94 -0.66
C LEU A 452 3.72 -16.79 0.61
N GLY A 453 3.93 -18.10 0.47
CA GLY A 453 3.99 -18.95 1.64
C GLY A 453 4.29 -20.39 1.32
N THR A 454 4.71 -21.11 2.35
CA THR A 454 4.93 -22.54 2.31
C THR A 454 3.75 -23.16 3.06
N PHE A 455 3.04 -24.07 2.40
CA PHE A 455 1.84 -24.70 2.96
C PHE A 455 2.08 -26.20 3.12
N ASP A 456 1.79 -26.71 4.31
CA ASP A 456 2.00 -28.13 4.61
C ASP A 456 0.65 -28.83 4.70
N LEU A 457 0.46 -29.88 3.89
CA LEU A 457 -0.71 -30.75 4.00
C LEU A 457 -0.34 -31.80 5.03
N THR A 458 -1.03 -31.82 6.17
CA THR A 458 -0.69 -32.69 7.31
C THR A 458 -1.81 -33.69 7.58
N GLY A 459 -1.47 -34.76 8.31
CA GLY A 459 -2.44 -35.78 8.67
C GLY A 459 -2.73 -36.80 7.58
N ILE A 460 -1.80 -36.97 6.64
CA ILE A 460 -2.00 -37.92 5.55
C ILE A 460 -1.81 -39.33 6.13
N PRO A 461 -2.85 -40.19 6.04
CA PRO A 461 -2.75 -41.52 6.66
C PRO A 461 -1.73 -42.45 5.97
N PRO A 462 -1.14 -43.39 6.73
CA PRO A 462 -0.18 -44.32 6.14
C PRO A 462 -0.72 -45.03 4.88
N ALA A 463 0.11 -45.06 3.83
CA ALA A 463 -0.28 -45.57 2.52
C ALA A 463 0.98 -45.67 1.65
N PRO A 464 0.95 -46.54 0.61
CA PRO A 464 2.09 -46.55 -0.32
C PRO A 464 2.23 -45.27 -1.13
N ARG A 465 3.44 -45.00 -1.61
CA ARG A 465 3.74 -43.77 -2.32
C ARG A 465 2.88 -43.62 -3.58
N GLY A 466 2.38 -42.41 -3.80
CA GLY A 466 1.54 -42.11 -4.95
C GLY A 466 0.06 -42.49 -4.84
N VAL A 467 -0.32 -43.19 -3.75
CA VAL A 467 -1.70 -43.63 -3.56
C VAL A 467 -2.61 -42.49 -3.08
N PRO A 468 -2.18 -41.70 -2.06
CA PRO A 468 -3.05 -40.60 -1.62
C PRO A 468 -3.42 -39.65 -2.75
N GLN A 469 -4.65 -39.13 -2.71
CA GLN A 469 -5.15 -38.19 -3.70
C GLN A 469 -5.79 -37.03 -2.93
N ILE A 470 -5.03 -35.94 -2.79
CA ILE A 470 -5.43 -34.79 -1.97
C ILE A 470 -5.70 -33.62 -2.90
N GLU A 471 -6.96 -33.21 -3.02
CA GLU A 471 -7.34 -32.06 -3.84
C GLU A 471 -7.15 -30.77 -3.03
N VAL A 472 -6.24 -29.92 -3.51
CA VAL A 472 -5.95 -28.66 -2.86
C VAL A 472 -6.56 -27.54 -3.70
N THR A 473 -7.31 -26.67 -3.03
CA THR A 473 -7.98 -25.54 -3.68
C THR A 473 -7.34 -24.23 -3.25
N PHE A 474 -7.01 -23.40 -4.23
CA PHE A 474 -6.40 -22.09 -4.04
C PHE A 474 -7.43 -21.05 -4.45
N GLU A 475 -7.98 -20.30 -3.49
CA GLU A 475 -9.00 -19.30 -3.80
C GLU A 475 -8.51 -17.91 -3.44
N ILE A 476 -8.61 -16.99 -4.39
CA ILE A 476 -8.32 -15.58 -4.12
C ILE A 476 -9.68 -14.92 -3.93
N ASP A 477 -9.89 -14.31 -2.77
CA ASP A 477 -11.18 -13.66 -2.47
C ASP A 477 -11.30 -12.27 -3.13
N VAL A 478 -12.44 -11.63 -2.92
CA VAL A 478 -12.70 -10.34 -3.56
C VAL A 478 -11.71 -9.24 -3.10
N ASN A 479 -11.16 -9.40 -1.90
CA ASN A 479 -10.09 -8.50 -1.41
C ASN A 479 -8.70 -8.77 -1.96
N GLY A 480 -8.54 -9.83 -2.76
CA GLY A 480 -7.25 -10.17 -3.32
C GLY A 480 -6.39 -11.06 -2.45
N ILE A 481 -6.97 -11.68 -1.41
CA ILE A 481 -6.24 -12.49 -0.44
C ILE A 481 -6.51 -13.98 -0.68
N LEU A 482 -5.42 -14.77 -0.59
CA LEU A 482 -5.43 -16.22 -0.83
C LEU A 482 -5.82 -17.04 0.40
N ARG A 483 -6.68 -18.04 0.18
CA ARG A 483 -7.00 -19.07 1.17
C ARG A 483 -6.75 -20.42 0.49
N VAL A 484 -6.05 -21.31 1.20
CA VAL A 484 -5.72 -22.64 0.66
C VAL A 484 -6.43 -23.68 1.53
N THR A 485 -7.17 -24.59 0.90
CA THR A 485 -7.88 -25.66 1.61
C THR A 485 -7.63 -27.00 0.92
N ALA A 486 -7.87 -28.10 1.65
CA ALA A 486 -7.60 -29.44 1.11
C ALA A 486 -8.70 -30.42 1.46
N GLU A 487 -8.96 -31.35 0.53
CA GLU A 487 -9.94 -32.43 0.72
C GLU A 487 -9.32 -33.75 0.24
N ASP A 488 -9.49 -34.81 1.04
CA ASP A 488 -9.08 -36.15 0.68
C ASP A 488 -10.05 -36.69 -0.38
N LYS A 489 -9.53 -37.06 -1.55
CA LYS A 489 -10.33 -37.64 -2.63
C LYS A 489 -10.04 -39.13 -2.87
N GLY A 490 -9.36 -39.77 -1.92
CA GLY A 490 -9.08 -41.21 -2.02
C GLY A 490 -10.33 -42.04 -1.80
N THR A 491 -10.30 -43.28 -2.29
CA THR A 491 -11.41 -44.20 -2.08
C THR A 491 -11.31 -44.80 -0.67
N GLY A 492 -12.45 -45.18 -0.11
CA GLY A 492 -12.50 -45.69 1.26
C GLY A 492 -12.53 -44.54 2.27
N ASN A 493 -12.03 -44.82 3.47
CA ASN A 493 -12.15 -43.90 4.62
C ASN A 493 -11.47 -42.56 4.36
N LYS A 494 -12.28 -41.49 4.29
CA LYS A 494 -11.76 -40.13 4.12
C LYS A 494 -11.13 -39.64 5.42
N ASN A 495 -9.98 -38.99 5.32
CA ASN A 495 -9.26 -38.44 6.46
C ASN A 495 -9.24 -36.91 6.39
N LYS A 496 -9.23 -36.28 7.56
CA LYS A 496 -9.14 -34.82 7.66
C LYS A 496 -7.74 -34.38 7.29
N ILE A 497 -7.62 -33.48 6.31
CA ILE A 497 -6.34 -32.90 5.89
C ILE A 497 -6.28 -31.44 6.33
N THR A 498 -5.47 -31.17 7.34
CA THR A 498 -5.28 -29.81 7.84
C THR A 498 -4.04 -29.22 7.16
N ILE A 499 -4.15 -27.93 6.82
CA ILE A 499 -3.03 -27.21 6.22
C ILE A 499 -2.43 -26.26 7.24
N THR A 500 -1.11 -26.30 7.39
CA THR A 500 -0.36 -25.30 8.16
C THR A 500 0.46 -24.46 7.20
N ASN A 501 0.80 -23.23 7.60
CA ASN A 501 1.61 -22.36 6.74
C ASN A 501 2.66 -21.60 7.54
N ASP A 502 3.60 -20.99 6.81
CA ASP A 502 4.67 -20.20 7.41
C ASP A 502 4.43 -18.69 7.30
N GLN A 503 3.19 -18.28 7.04
CA GLN A 503 2.86 -16.86 6.83
C GLN A 503 2.98 -16.00 8.10
N ASN A 504 2.89 -16.64 9.28
CA ASN A 504 2.88 -15.94 10.57
C ASN A 504 1.81 -14.85 10.55
N ARG A 505 0.58 -15.29 10.32
CA ARG A 505 -0.60 -14.45 10.42
C ARG A 505 -0.72 -13.96 11.84
N LEU A 506 -1.12 -12.70 12.02
CA LEU A 506 -1.60 -12.26 13.32
C LEU A 506 -2.85 -13.06 13.67
N THR A 507 -2.79 -13.77 14.79
CA THR A 507 -3.91 -14.58 15.27
C THR A 507 -4.90 -13.68 16.01
N PRO A 508 -6.15 -14.16 16.20
CA PRO A 508 -7.09 -13.40 17.03
C PRO A 508 -6.56 -13.10 18.44
N GLU A 509 -5.81 -14.05 19.04
CA GLU A 509 -5.16 -13.83 20.33
C GLU A 509 -4.21 -12.64 20.27
N GLU A 510 -3.36 -12.63 19.25
CA GLU A 510 -2.38 -11.54 19.08
C GLU A 510 -3.03 -10.19 18.82
N ILE A 511 -4.08 -10.18 18.01
CA ILE A 511 -4.84 -8.96 17.73
C ILE A 511 -5.47 -8.40 19.01
N GLU A 512 -6.08 -9.29 19.81
CA GLU A 512 -6.66 -8.89 21.10
C GLU A 512 -5.62 -8.21 22.01
N ARG A 513 -4.42 -8.76 22.07
CA ARG A 513 -3.33 -8.16 22.83
C ARG A 513 -3.00 -6.76 22.34
N MET A 514 -2.96 -6.60 21.01
CA MET A 514 -2.64 -5.30 20.39
C MET A 514 -3.72 -4.26 20.63
N VAL A 515 -4.98 -4.68 20.60
CA VAL A 515 -6.10 -3.79 20.94
C VAL A 515 -5.93 -3.31 22.39
N ASN A 516 -5.65 -4.24 23.29
CA ASN A 516 -5.44 -3.88 24.70
C ASN A 516 -4.24 -2.97 24.93
N ASP A 517 -3.16 -3.20 24.20
CA ASP A 517 -1.96 -2.35 24.28
C ASP A 517 -2.19 -0.93 23.76
N ALA A 518 -2.96 -0.78 22.69
CA ALA A 518 -3.29 0.55 22.14
C ALA A 518 -4.13 1.41 23.09
N GLU A 519 -5.06 0.78 23.81
CA GLU A 519 -5.91 1.48 24.78
C GLU A 519 -5.15 2.11 25.95
N LYS A 520 -3.94 1.62 26.25
CA LYS A 520 -3.08 2.25 27.26
C LYS A 520 -2.65 3.70 26.91
N PHE A 521 -2.73 4.08 25.64
CA PHE A 521 -2.46 5.47 25.20
C PHE A 521 -3.75 6.26 24.98
#